data_9H2U
#
_entry.id   9H2U
#
_cell.length_a   39.930
_cell.length_b   103.750
_cell.length_c   42.230
_cell.angle_alpha   90.000
_cell.angle_beta   104.840
_cell.angle_gamma   90.000
#
_symmetry.space_group_name_H-M   'P 1 21 1'
#
loop_
_entity.id
_entity.type
_entity.pdbx_description
1 polymer 'YTH domain-containing protein 1'
2 non-polymer 5-amino-3-methyl-1H-pyrazole-4-carbonitrile
3 non-polymer 'SULFATE ION'
4 water water
#
_entity_poly.entity_id   1
_entity_poly.type   'polypeptide(L)'
_entity_poly.pdbx_seq_one_letter_code
;GTSKLKYVLQDARFFLIKSNNHENVSLAKAKGVWSTLPVNEKKLNLAFRSARSVILIFSVRESGKFQGFARLSSESHHGG
SPIHWVLPAGMSAKMLGGVFKIDWICRRELPFTKSAHLTNPWNEHKPVKIGRDGQEIELECGTQLCLLFPPDESIDLYQV
IHKMRH
;
_entity_poly.pdbx_strand_id   A,B
#
loop_
_chem_comp.id
_chem_comp.type
_chem_comp.name
_chem_comp.formula
SO4 non-polymer 'SULFATE ION' 'O4 S -2'
WPS non-polymer 5-amino-3-methyl-1H-pyrazole-4-carbonitrile 'C5 H6 N4'
#
# COMPACT_ATOMS: atom_id res chain seq x y z
N GLY A 1 -2.17 -5.92 -3.47
CA GLY A 1 -1.07 -6.80 -3.13
C GLY A 1 -0.53 -6.59 -1.72
N THR A 2 0.58 -7.27 -1.41
CA THR A 2 1.19 -7.20 -0.09
C THR A 2 2.60 -6.62 -0.12
N SER A 3 3.06 -6.14 -1.28
CA SER A 3 4.44 -5.68 -1.39
C SER A 3 4.65 -4.38 -0.62
N LYS A 4 3.76 -3.40 -0.77
CA LYS A 4 3.93 -2.18 0.01
C LYS A 4 3.84 -2.47 1.51
N LEU A 5 2.96 -3.39 1.91
CA LEU A 5 2.86 -3.74 3.32
C LEU A 5 4.18 -4.31 3.83
N LYS A 6 4.78 -5.22 3.06
CA LYS A 6 6.07 -5.78 3.47
C LYS A 6 7.13 -4.70 3.57
N TYR A 7 7.08 -3.69 2.68
CA TYR A 7 8.05 -2.60 2.74
C TYR A 7 7.90 -1.81 4.04
N VAL A 8 6.66 -1.53 4.44
CA VAL A 8 6.41 -0.79 5.68
C VAL A 8 6.87 -1.57 6.89
N LEU A 9 6.76 -2.91 6.85
CA LEU A 9 7.10 -3.74 8.00
C LEU A 9 8.57 -4.12 8.07
N GLN A 10 9.36 -3.82 7.04
CA GLN A 10 10.76 -4.19 7.02
C GLN A 10 11.47 -3.57 8.22
N ASP A 11 12.12 -4.40 9.03
CA ASP A 11 12.86 -3.95 10.20
C ASP A 11 12.00 -3.16 11.20
N ALA A 12 10.71 -3.44 11.25
CA ALA A 12 9.81 -2.75 12.17
C ALA A 12 9.91 -3.34 13.58
N ARG A 13 9.37 -2.60 14.55
CA ARG A 13 9.08 -3.10 15.88
C ARG A 13 7.57 -3.16 16.07
N PHE A 14 7.12 -4.09 16.90
CA PHE A 14 5.70 -4.41 17.06
C PHE A 14 5.35 -4.45 18.55
N PHE A 15 4.20 -3.90 18.92
CA PHE A 15 3.70 -3.92 20.29
C PHE A 15 2.23 -4.31 20.33
N LEU A 16 1.90 -5.20 21.26
CA LEU A 16 0.52 -5.57 21.50
C LEU A 16 -0.15 -4.52 22.36
N ILE A 17 -1.32 -4.04 21.94
CA ILE A 17 -2.09 -3.04 22.68
C ILE A 17 -3.41 -3.68 23.07
N LYS A 18 -3.74 -3.66 24.35
CA LYS A 18 -4.95 -4.27 24.87
C LYS A 18 -5.89 -3.18 25.36
N SER A 19 -7.09 -3.12 24.78
CA SER A 19 -8.12 -2.20 25.20
C SER A 19 -9.17 -2.94 26.01
N ASN A 20 -9.69 -2.28 27.05
CA ASN A 20 -10.73 -2.93 27.84
C ASN A 20 -12.08 -2.95 27.14
N ASN A 21 -12.26 -2.18 26.07
CA ASN A 21 -13.56 -2.08 25.41
C ASN A 21 -13.38 -1.72 23.95
N HIS A 22 -14.45 -1.92 23.19
CA HIS A 22 -14.44 -1.58 21.77
C HIS A 22 -14.45 -0.07 21.55
N GLU A 23 -15.04 0.70 22.48
CA GLU A 23 -15.17 2.13 22.26
C GLU A 23 -13.83 2.81 22.07
N ASN A 24 -12.80 2.40 22.83
CA ASN A 24 -11.50 3.04 22.68
C ASN A 24 -10.87 2.72 21.32
N VAL A 25 -11.07 1.51 20.82
CA VAL A 25 -10.54 1.18 19.51
C VAL A 25 -11.28 1.94 18.43
N SER A 26 -12.60 2.12 18.60
CA SER A 26 -13.38 2.93 17.68
CA SER A 26 -13.37 2.92 17.66
C SER A 26 -12.85 4.36 17.62
N LEU A 27 -12.59 4.95 18.79
CA LEU A 27 -12.03 6.29 18.84
C LEU A 27 -10.68 6.35 18.14
N ALA A 28 -9.81 5.37 18.40
CA ALA A 28 -8.50 5.34 17.78
C ALA A 28 -8.60 5.24 16.26
N LYS A 29 -9.54 4.44 15.77
CA LYS A 29 -9.74 4.29 14.34
C LYS A 29 -10.30 5.56 13.71
N ALA A 30 -11.18 6.27 14.42
CA ALA A 30 -11.80 7.46 13.87
C ALA A 30 -10.85 8.65 13.88
N LYS A 31 -10.05 8.79 14.93
CA LYS A 31 -9.24 9.98 15.14
C LYS A 31 -7.76 9.77 14.83
N GLY A 32 -7.32 8.54 14.62
CA GLY A 32 -5.92 8.32 14.33
C GLY A 32 -5.00 8.60 15.50
N VAL A 33 -5.41 8.19 16.70
CA VAL A 33 -4.65 8.49 17.92
C VAL A 33 -4.65 7.30 18.87
N TRP A 34 -3.66 7.28 19.75
CA TRP A 34 -3.66 6.35 20.89
C TRP A 34 -2.95 7.01 22.06
N SER A 35 -3.44 6.72 23.26
CA SER A 35 -2.82 7.14 24.50
CA SER A 35 -2.81 7.14 24.50
C SER A 35 -2.72 5.93 25.41
N THR A 36 -1.61 5.80 26.12
CA THR A 36 -1.35 4.63 26.97
C THR A 36 -0.77 5.09 28.30
N LEU A 37 -0.65 4.15 29.24
CA LEU A 37 -0.07 4.48 30.53
C LEU A 37 1.39 4.90 30.38
N PRO A 38 1.90 5.72 31.31
CA PRO A 38 3.28 6.19 31.21
C PRO A 38 4.34 5.11 31.05
N VAL A 39 4.17 3.95 31.66
CA VAL A 39 5.16 2.88 31.47
C VAL A 39 5.26 2.48 30.00
N ASN A 40 4.12 2.37 29.32
CA ASN A 40 4.14 2.02 27.91
C ASN A 40 4.50 3.19 27.03
N GLU A 41 4.09 4.40 27.43
CA GLU A 41 4.42 5.59 26.66
C GLU A 41 5.93 5.74 26.53
N LYS A 42 6.66 5.48 27.60
CA LYS A 42 8.13 5.58 27.54
C LYS A 42 8.71 4.55 26.60
N LYS A 43 8.19 3.32 26.62
CA LYS A 43 8.67 2.29 25.70
C LYS A 43 8.40 2.67 24.24
N LEU A 44 7.21 3.20 23.97
CA LEU A 44 6.85 3.52 22.59
C LEU A 44 7.65 4.71 22.07
N ASN A 45 7.91 5.70 22.91
CA ASN A 45 8.72 6.83 22.49
C ASN A 45 10.14 6.39 22.16
N LEU A 46 10.74 5.53 23.01
CA LEU A 46 12.04 4.97 22.70
C LEU A 46 12.00 4.18 21.40
N ALA A 47 10.96 3.37 21.20
CA ALA A 47 10.88 2.57 19.99
C ALA A 47 10.76 3.45 18.75
N PHE A 48 9.98 4.53 18.84
CA PHE A 48 9.75 5.40 17.68
C PHE A 48 11.05 5.97 17.14
N ARG A 49 11.97 6.32 18.03
CA ARG A 49 13.25 6.88 17.63
C ARG A 49 14.20 5.80 17.11
N SER A 50 13.94 4.54 17.41
CA SER A 50 14.89 3.46 17.18
C SER A 50 14.67 2.72 15.86
N ALA A 51 13.48 2.81 15.27
CA ALA A 51 13.13 1.89 14.18
C ALA A 51 12.37 2.65 13.11
N ARG A 52 12.45 2.12 11.88
CA ARG A 52 11.83 2.82 10.77
C ARG A 52 10.30 2.78 10.83
N SER A 53 9.73 1.75 11.46
CA SER A 53 8.29 1.68 11.70
C SER A 53 8.05 1.02 13.05
N VAL A 54 7.10 1.58 13.81
CA VAL A 54 6.62 0.97 15.06
C VAL A 54 5.14 0.68 14.87
N ILE A 55 4.77 -0.58 14.99
CA ILE A 55 3.43 -1.05 14.70
C ILE A 55 2.73 -1.40 16.01
N LEU A 56 1.52 -0.90 16.20
CA LEU A 56 0.64 -1.25 17.31
C LEU A 56 -0.40 -2.23 16.78
N ILE A 57 -0.53 -3.38 17.42
CA ILE A 57 -1.51 -4.40 17.06
C ILE A 57 -2.53 -4.45 18.20
N PHE A 58 -3.79 -4.15 17.90
CA PHE A 58 -4.82 -3.90 18.90
C PHE A 58 -5.68 -5.12 19.16
N SER A 59 -6.02 -5.35 20.43
CA SER A 59 -6.95 -6.42 20.78
C SER A 59 -7.83 -5.97 21.94
N VAL A 60 -9.14 -6.10 21.77
CA VAL A 60 -10.11 -5.79 22.81
C VAL A 60 -10.21 -7.00 23.73
N ARG A 61 -10.03 -6.75 25.03
CA ARG A 61 -10.09 -7.81 26.03
C ARG A 61 -11.41 -8.57 25.93
N GLU A 62 -11.31 -9.91 25.97
CA GLU A 62 -12.42 -10.85 25.94
C GLU A 62 -13.11 -10.95 24.58
N SER A 63 -12.58 -10.29 23.55
CA SER A 63 -13.17 -10.35 22.22
C SER A 63 -12.72 -11.58 21.43
N GLY A 64 -11.61 -12.20 21.83
CA GLY A 64 -11.07 -13.31 21.05
C GLY A 64 -10.49 -12.91 19.71
N LYS A 65 -10.22 -11.63 19.49
CA LYS A 65 -9.77 -11.15 18.18
C LYS A 65 -8.79 -10.01 18.36
N PHE A 66 -8.00 -9.79 17.31
CA PHE A 66 -7.34 -8.51 17.08
C PHE A 66 -8.25 -7.65 16.21
N GLN A 67 -8.24 -6.34 16.44
CA GLN A 67 -9.12 -5.44 15.68
C GLN A 67 -8.41 -4.62 14.61
N GLY A 68 -7.11 -4.80 14.43
CA GLY A 68 -6.38 -4.12 13.37
C GLY A 68 -5.00 -3.72 13.84
N PHE A 69 -4.27 -3.01 12.99
CA PHE A 69 -2.94 -2.55 13.37
C PHE A 69 -2.61 -1.25 12.67
N ALA A 70 -1.71 -0.48 13.27
CA ALA A 70 -1.44 0.89 12.87
C ALA A 70 0.03 1.18 13.12
N ARG A 71 0.55 2.21 12.46
CA ARG A 71 1.95 2.62 12.60
C ARG A 71 2.01 3.96 13.31
N LEU A 72 2.89 4.07 14.31
CA LEU A 72 3.12 5.37 14.93
C LEU A 72 3.64 6.37 13.92
N SER A 73 3.04 7.56 13.90
CA SER A 73 3.55 8.65 13.07
C SER A 73 4.22 9.74 13.88
N SER A 74 4.19 9.65 15.21
CA SER A 74 4.78 10.67 16.07
C SER A 74 5.09 10.05 17.42
N GLU A 75 5.97 10.71 18.17
CA GLU A 75 6.06 10.49 19.61
C GLU A 75 4.81 11.05 20.29
N SER A 76 4.69 10.80 21.59
CA SER A 76 3.52 11.29 22.30
C SER A 76 3.63 12.79 22.54
N HIS A 77 2.48 13.46 22.52
CA HIS A 77 2.42 14.90 22.78
C HIS A 77 1.21 15.21 23.65
N HIS A 78 1.34 16.27 24.44
CA HIS A 78 0.28 16.74 25.32
C HIS A 78 -0.29 18.04 24.78
N GLY A 79 -1.45 18.42 25.32
CA GLY A 79 -2.06 19.71 25.02
C GLY A 79 -2.98 19.74 23.82
N GLY A 80 -3.16 18.63 23.11
CA GLY A 80 -4.05 18.59 21.98
C GLY A 80 -5.51 18.53 22.40
N SER A 81 -6.37 18.35 21.41
CA SER A 81 -7.80 18.26 21.68
C SER A 81 -8.09 17.05 22.57
N PRO A 82 -9.00 17.17 23.53
CA PRO A 82 -9.26 16.05 24.44
C PRO A 82 -9.87 14.86 23.71
N ILE A 83 -9.56 13.67 24.22
CA ILE A 83 -10.10 12.42 23.72
C ILE A 83 -10.86 11.75 24.85
N HIS A 84 -12.14 11.46 24.64
CA HIS A 84 -13.00 10.92 25.68
C HIS A 84 -12.90 9.40 25.77
N TRP A 85 -11.72 8.93 26.16
CA TRP A 85 -11.53 7.51 26.36
C TRP A 85 -12.48 6.98 27.44
N VAL A 86 -12.86 5.71 27.31
CA VAL A 86 -13.64 5.01 28.31
C VAL A 86 -12.67 4.18 29.14
N LEU A 87 -12.51 4.53 30.41
CA LEU A 87 -11.40 3.89 31.08
C LEU A 87 -11.87 2.88 32.12
N PRO A 88 -11.13 1.80 32.30
CA PRO A 88 -11.49 0.81 33.31
C PRO A 88 -11.51 1.41 34.70
N ALA A 89 -12.30 0.79 35.57
CA ALA A 89 -12.23 1.07 37.00
C ALA A 89 -10.79 0.92 37.47
N GLY A 90 -10.14 2.05 37.78
CA GLY A 90 -8.76 2.07 38.20
C GLY A 90 -7.89 3.01 37.38
N MET A 91 -8.21 3.19 36.10
CA MET A 91 -7.48 4.09 35.22
C MET A 91 -8.20 5.42 35.09
N SER A 92 -7.45 6.50 35.21
CA SER A 92 -7.97 7.86 35.14
C SER A 92 -7.33 8.59 33.98
N ALA A 93 -8.06 9.57 33.44
CA ALA A 93 -7.59 10.33 32.28
C ALA A 93 -6.29 11.07 32.58
N LYS A 94 -6.14 11.60 33.79
CA LYS A 94 -4.87 12.22 34.16
C LYS A 94 -3.73 11.20 34.14
N MET A 95 -4.02 9.95 34.55
CA MET A 95 -2.97 8.94 34.60
C MET A 95 -2.47 8.53 33.23
N LEU A 96 -3.22 8.79 32.17
CA LEU A 96 -2.73 8.46 30.84
C LEU A 96 -1.60 9.41 30.45
N GLY A 97 -0.66 8.89 29.65
CA GLY A 97 0.38 9.74 29.10
C GLY A 97 -0.15 10.64 28.01
N GLY A 98 0.74 11.12 27.13
CA GLY A 98 0.33 11.95 26.02
C GLY A 98 -0.34 11.14 24.92
N VAL A 99 -0.49 11.79 23.78
CA VAL A 99 -1.22 11.23 22.64
C VAL A 99 -0.24 10.96 21.51
N PHE A 100 -0.26 9.74 20.99
CA PHE A 100 0.49 9.39 19.79
C PHE A 100 -0.44 9.51 18.59
N LYS A 101 0.05 10.10 17.52
CA LYS A 101 -0.65 9.99 16.25
C LYS A 101 -0.28 8.67 15.59
N ILE A 102 -1.27 8.03 14.98
CA ILE A 102 -1.09 6.73 14.32
C ILE A 102 -1.76 6.75 12.96
N ASP A 103 -1.19 6.00 12.02
CA ASP A 103 -1.78 5.77 10.71
C ASP A 103 -2.19 4.31 10.62
N TRP A 104 -3.48 4.09 10.44
CA TRP A 104 -3.97 2.72 10.34
C TRP A 104 -3.44 2.05 9.08
N ILE A 105 -3.02 0.80 9.25
CA ILE A 105 -2.61 -0.04 8.13
C ILE A 105 -3.69 -1.05 7.79
N CYS A 106 -4.41 -1.53 8.80
CA CYS A 106 -5.50 -2.45 8.60
C CYS A 106 -6.52 -2.23 9.71
N ARG A 107 -7.77 -1.97 9.32
CA ARG A 107 -8.86 -1.81 10.26
C ARG A 107 -9.75 -3.03 10.36
N ARG A 108 -9.34 -4.14 9.74
CA ARG A 108 -10.10 -5.38 9.76
C ARG A 108 -9.67 -6.25 10.96
N GLU A 109 -10.55 -7.16 11.36
CA GLU A 109 -10.33 -8.06 12.48
C GLU A 109 -9.60 -9.33 12.05
N LEU A 110 -8.95 -9.95 13.03
CA LEU A 110 -8.33 -11.27 12.88
C LEU A 110 -8.63 -12.09 14.13
N PRO A 111 -9.35 -13.21 14.00
CA PRO A 111 -9.61 -14.06 15.17
C PRO A 111 -8.32 -14.72 15.67
N PHE A 112 -8.25 -14.87 17.00
CA PHE A 112 -7.10 -15.54 17.61
C PHE A 112 -6.91 -16.95 17.08
N THR A 113 -7.99 -17.61 16.66
CA THR A 113 -7.85 -18.96 16.13
C THR A 113 -6.90 -19.00 14.94
N LYS A 114 -6.78 -17.89 14.20
CA LYS A 114 -5.93 -17.85 13.02
C LYS A 114 -4.45 -17.62 13.33
N SER A 115 -4.11 -17.16 14.53
CA SER A 115 -2.73 -16.89 14.90
C SER A 115 -2.17 -17.93 15.85
N ALA A 116 -2.85 -19.07 15.99
CA ALA A 116 -2.47 -20.09 16.96
C ALA A 116 -1.11 -20.71 16.66
N HIS A 117 -0.60 -20.58 15.44
CA HIS A 117 0.70 -21.11 15.07
C HIS A 117 1.84 -20.13 15.30
N LEU A 118 1.57 -18.93 15.82
CA LEU A 118 2.58 -17.91 16.03
C LEU A 118 2.85 -17.76 17.53
N THR A 119 4.11 -17.92 17.91
CA THR A 119 4.55 -17.71 19.28
C THR A 119 5.50 -16.53 19.35
N ASN A 120 5.51 -15.86 20.51
CA ASN A 120 6.30 -14.65 20.70
C ASN A 120 7.49 -14.96 21.60
N PRO A 121 8.71 -14.98 21.06
CA PRO A 121 9.90 -15.24 21.91
C PRO A 121 10.06 -14.28 23.07
N TRP A 122 9.57 -13.05 22.94
CA TRP A 122 9.71 -12.08 24.03
C TRP A 122 8.67 -12.26 25.12
N ASN A 123 7.76 -13.21 24.96
CA ASN A 123 6.84 -13.61 26.02
C ASN A 123 6.87 -15.12 26.19
N GLU A 124 8.08 -15.66 26.39
CA GLU A 124 8.27 -17.08 26.75
C GLU A 124 7.73 -18.02 25.67
N HIS A 125 7.70 -17.58 24.42
CA HIS A 125 7.16 -18.35 23.30
C HIS A 125 5.71 -18.75 23.50
N LYS A 126 4.97 -18.01 24.30
CA LYS A 126 3.53 -18.19 24.35
C LYS A 126 2.87 -17.71 23.07
N PRO A 127 1.68 -18.22 22.75
CA PRO A 127 0.93 -17.74 21.58
C PRO A 127 0.83 -16.21 21.59
N VAL A 128 0.96 -15.62 20.40
CA VAL A 128 1.10 -14.17 20.29
C VAL A 128 -0.12 -13.43 20.83
N LYS A 129 -1.29 -14.06 20.83
CA LYS A 129 -2.47 -13.44 21.43
C LYS A 129 -2.28 -13.17 22.92
N ILE A 130 -1.37 -13.89 23.58
CA ILE A 130 -1.14 -13.75 25.01
C ILE A 130 -0.10 -12.66 25.24
N GLY A 131 -0.44 -11.70 26.09
CA GLY A 131 0.50 -10.66 26.41
C GLY A 131 -0.18 -9.52 27.12
N ARG A 132 0.54 -8.81 27.98
CA ARG A 132 0.00 -7.64 28.61
C ARG A 132 -0.03 -6.48 27.62
N ASP A 133 -0.85 -5.50 27.95
CA ASP A 133 -0.86 -4.23 27.22
C ASP A 133 0.56 -3.69 27.16
N GLY A 134 1.07 -3.50 25.94
CA GLY A 134 2.42 -3.00 25.72
C GLY A 134 3.49 -4.06 25.48
N GLN A 135 3.15 -5.34 25.52
CA GLN A 135 4.13 -6.40 25.29
C GLN A 135 4.74 -6.26 23.90
N GLU A 136 6.07 -6.24 23.82
CA GLU A 136 6.71 -6.20 22.51
C GLU A 136 6.65 -7.58 21.86
N ILE A 137 6.45 -7.58 20.55
CA ILE A 137 6.38 -8.79 19.74
C ILE A 137 7.61 -8.83 18.85
N GLU A 138 8.35 -9.94 18.91
CA GLU A 138 9.56 -10.09 18.12
C GLU A 138 9.29 -9.94 16.62
N LEU A 139 10.30 -9.44 15.89
CA LEU A 139 10.19 -9.06 14.48
C LEU A 139 9.47 -10.10 13.62
N GLU A 140 9.96 -11.34 13.62
CA GLU A 140 9.41 -12.34 12.71
C GLU A 140 7.96 -12.70 13.07
N CYS A 141 7.69 -12.89 14.36
CA CYS A 141 6.33 -13.16 14.82
C CYS A 141 5.40 -12.01 14.46
N GLY A 142 5.82 -10.78 14.72
CA GLY A 142 4.99 -9.62 14.44
C GLY A 142 4.70 -9.46 12.96
N THR A 143 5.71 -9.68 12.12
CA THR A 143 5.54 -9.58 10.67
C THR A 143 4.53 -10.62 10.19
N GLN A 144 4.69 -11.86 10.64
CA GLN A 144 3.77 -12.91 10.19
C GLN A 144 2.36 -12.67 10.71
N LEU A 145 2.23 -12.14 11.94
CA LEU A 145 0.90 -11.80 12.45
C LEU A 145 0.23 -10.74 11.58
N CYS A 146 0.94 -9.66 11.26
CA CYS A 146 0.35 -8.63 10.42
C CYS A 146 -0.02 -9.16 9.04
N LEU A 147 0.76 -10.08 8.48
CA LEU A 147 0.44 -10.63 7.17
C LEU A 147 -0.76 -11.57 7.19
N LEU A 148 -1.20 -12.03 8.36
CA LEU A 148 -2.39 -12.87 8.44
C LEU A 148 -3.68 -12.07 8.32
N PHE A 149 -3.66 -10.78 8.63
CA PHE A 149 -4.88 -9.99 8.59
C PHE A 149 -5.43 -9.96 7.17
N PRO A 150 -6.75 -9.93 7.02
CA PRO A 150 -7.33 -9.72 5.69
C PRO A 150 -6.87 -8.38 5.14
N PRO A 151 -6.58 -8.28 3.85
CA PRO A 151 -6.18 -6.99 3.28
C PRO A 151 -7.29 -5.96 3.48
N ASP A 152 -6.88 -4.73 3.76
CA ASP A 152 -7.80 -3.60 3.94
C ASP A 152 -7.70 -2.73 2.69
N GLU A 153 -8.59 -2.96 1.74
CA GLU A 153 -8.53 -2.27 0.46
C GLU A 153 -8.95 -0.81 0.55
N SER A 154 -9.38 -0.34 1.72
CA SER A 154 -9.67 1.07 1.88
C SER A 154 -8.42 1.91 2.16
N ILE A 155 -7.28 1.29 2.43
CA ILE A 155 -6.09 2.01 2.85
C ILE A 155 -5.06 2.00 1.73
N ASP A 156 -4.44 3.15 1.50
CA ASP A 156 -3.38 3.31 0.51
C ASP A 156 -2.08 3.57 1.30
N LEU A 157 -1.13 2.64 1.22
CA LEU A 157 0.12 2.76 1.99
C LEU A 157 1.12 3.75 1.40
N TYR A 158 0.81 4.35 0.25
CA TYR A 158 1.73 5.29 -0.37
C TYR A 158 2.12 6.43 0.56
N GLN A 159 1.12 7.03 1.23
CA GLN A 159 1.40 8.14 2.14
C GLN A 159 2.17 7.69 3.38
N VAL A 160 1.91 6.47 3.86
CA VAL A 160 2.66 5.93 4.99
C VAL A 160 4.12 5.75 4.64
N ILE A 161 4.39 5.21 3.44
CA ILE A 161 5.76 5.00 2.98
C ILE A 161 6.52 6.33 2.96
N HIS A 162 5.82 7.43 2.65
CA HIS A 162 6.47 8.73 2.57
C HIS A 162 6.82 9.29 3.95
N LYS A 163 6.04 8.95 4.98
CA LYS A 163 6.34 9.41 6.33
C LYS A 163 7.62 8.77 6.85
N MET A 164 7.94 7.58 6.37
CA MET A 164 9.21 6.94 6.66
C MET A 164 10.31 7.69 5.91
N GLY B 1 16.76 15.63 -24.74
CA GLY B 1 15.40 15.76 -25.24
C GLY B 1 14.36 15.20 -24.28
N THR B 2 14.72 15.13 -23.01
CA THR B 2 13.90 14.48 -21.99
C THR B 2 13.13 15.45 -21.10
N SER B 3 13.21 16.76 -21.36
CA SER B 3 12.59 17.73 -20.45
C SER B 3 11.09 17.51 -20.32
N LYS B 4 10.39 17.33 -21.44
CA LYS B 4 8.94 17.12 -21.38
C LYS B 4 8.58 15.87 -20.61
N LEU B 5 9.22 14.76 -20.94
CA LEU B 5 8.90 13.50 -20.26
C LEU B 5 9.21 13.60 -18.77
N LYS B 6 10.33 14.22 -18.40
CA LYS B 6 10.65 14.33 -16.98
C LYS B 6 9.62 15.17 -16.25
N TYR B 7 9.09 16.19 -16.93
CA TYR B 7 8.03 17.00 -16.35
C TYR B 7 6.77 16.15 -16.11
N VAL B 8 6.41 15.32 -17.09
CA VAL B 8 5.23 14.46 -16.93
C VAL B 8 5.40 13.50 -15.76
N LEU B 9 6.62 13.01 -15.55
CA LEU B 9 6.89 11.98 -14.56
C LEU B 9 7.21 12.53 -13.18
N GLN B 10 7.26 13.85 -13.02
CA GLN B 10 7.55 14.40 -11.70
C GLN B 10 6.40 14.03 -10.75
N ASP B 11 6.76 13.43 -9.62
CA ASP B 11 5.79 13.08 -8.58
C ASP B 11 4.75 12.07 -9.06
N ALA B 12 5.11 11.24 -10.03
CA ALA B 12 4.18 10.24 -10.56
C ALA B 12 4.15 9.00 -9.68
N ARG B 13 3.10 8.22 -9.82
CA ARG B 13 3.05 6.85 -9.32
C ARG B 13 3.05 5.92 -10.53
N PHE B 14 3.63 4.74 -10.34
CA PHE B 14 3.87 3.79 -11.42
C PHE B 14 3.34 2.42 -11.04
N PHE B 15 2.70 1.75 -11.98
CA PHE B 15 2.16 0.42 -11.75
C PHE B 15 2.49 -0.47 -12.94
N LEU B 16 2.96 -1.68 -12.65
CA LEU B 16 3.19 -2.70 -13.66
C LEU B 16 1.85 -3.33 -14.03
N ILE B 17 1.58 -3.44 -15.33
CA ILE B 17 0.36 -4.06 -15.83
C ILE B 17 0.76 -5.29 -16.63
N LYS B 18 0.23 -6.45 -16.25
CA LYS B 18 0.63 -7.72 -16.86
C LYS B 18 -0.53 -8.29 -17.66
N SER B 19 -0.49 -8.11 -18.97
CA SER B 19 -1.51 -8.65 -19.87
C SER B 19 -1.22 -10.10 -20.19
N ASN B 20 -2.28 -10.90 -20.27
CA ASN B 20 -2.08 -12.31 -20.61
C ASN B 20 -1.80 -12.51 -22.10
N ASN B 21 -2.08 -11.53 -22.95
CA ASN B 21 -1.86 -11.70 -24.39
C ASN B 21 -1.51 -10.38 -25.04
N HIS B 22 -1.01 -10.46 -26.27
CA HIS B 22 -0.70 -9.25 -27.03
C HIS B 22 -1.96 -8.58 -27.58
N GLU B 23 -3.03 -9.35 -27.81
CA GLU B 23 -4.23 -8.78 -28.42
CA GLU B 23 -4.23 -8.78 -28.42
C GLU B 23 -4.80 -7.64 -27.57
N ASN B 24 -4.86 -7.83 -26.25
CA ASN B 24 -5.46 -6.80 -25.42
C ASN B 24 -4.58 -5.56 -25.37
N VAL B 25 -3.27 -5.72 -25.50
CA VAL B 25 -2.39 -4.56 -25.54
C VAL B 25 -2.57 -3.81 -26.86
N SER B 26 -2.68 -4.54 -27.97
CA SER B 26 -2.96 -3.88 -29.25
CA SER B 26 -2.96 -3.89 -29.25
C SER B 26 -4.26 -3.09 -29.19
N LEU B 27 -5.29 -3.68 -28.61
CA LEU B 27 -6.57 -2.99 -28.46
C LEU B 27 -6.40 -1.72 -27.64
N ALA B 28 -5.71 -1.85 -26.49
CA ALA B 28 -5.55 -0.73 -25.57
C ALA B 28 -4.71 0.39 -26.19
N LYS B 29 -3.71 0.01 -26.97
CA LYS B 29 -2.84 0.99 -27.63
C LYS B 29 -3.61 1.81 -28.64
N ALA B 30 -4.54 1.20 -29.38
CA ALA B 30 -5.27 1.91 -30.41
C ALA B 30 -6.41 2.73 -29.82
N LYS B 31 -7.11 2.20 -28.82
CA LYS B 31 -8.29 2.86 -28.27
C LYS B 31 -8.01 3.76 -27.07
N GLY B 32 -6.85 3.61 -26.41
CA GLY B 32 -6.55 4.43 -25.25
C GLY B 32 -7.41 4.09 -24.03
N VAL B 33 -7.53 2.81 -23.73
CA VAL B 33 -8.33 2.34 -22.59
C VAL B 33 -7.63 1.17 -21.92
N TRP B 34 -7.95 0.98 -20.63
CA TRP B 34 -7.55 -0.22 -19.91
C TRP B 34 -8.60 -0.53 -18.85
N SER B 35 -8.78 -1.82 -18.58
CA SER B 35 -9.58 -2.29 -17.46
C SER B 35 -8.78 -3.34 -16.71
N THR B 36 -9.01 -3.43 -15.40
CA THR B 36 -8.27 -4.35 -14.55
C THR B 36 -9.21 -4.95 -13.51
N LEU B 37 -8.69 -5.93 -12.78
CA LEU B 37 -9.48 -6.59 -11.74
C LEU B 37 -9.78 -5.63 -10.60
N PRO B 38 -10.85 -5.87 -9.82
CA PRO B 38 -11.31 -4.86 -8.86
C PRO B 38 -10.27 -4.42 -7.83
N VAL B 39 -9.39 -5.33 -7.38
CA VAL B 39 -8.38 -4.93 -6.40
C VAL B 39 -7.44 -3.89 -6.98
N ASN B 40 -7.01 -4.09 -8.23
CA ASN B 40 -6.13 -3.12 -8.86
C ASN B 40 -6.90 -1.88 -9.29
N GLU B 41 -8.17 -2.03 -9.67
CA GLU B 41 -8.98 -0.87 -10.03
C GLU B 41 -9.06 0.12 -8.86
N LYS B 42 -9.30 -0.39 -7.65
CA LYS B 42 -9.34 0.47 -6.47
C LYS B 42 -8.01 1.17 -6.24
N LYS B 43 -6.90 0.43 -6.37
CA LYS B 43 -5.57 1.02 -6.19
C LYS B 43 -5.34 2.15 -7.18
N LEU B 44 -5.69 1.93 -8.45
CA LEU B 44 -5.46 2.95 -9.48
C LEU B 44 -6.34 4.18 -9.28
N ASN B 45 -7.57 3.99 -8.81
CA ASN B 45 -8.43 5.14 -8.56
C ASN B 45 -7.91 5.98 -7.39
N LEU B 46 -7.46 5.32 -6.32
CA LEU B 46 -6.82 6.06 -5.22
C LEU B 46 -5.59 6.80 -5.71
N ALA B 47 -4.78 6.14 -6.54
CA ALA B 47 -3.56 6.78 -7.03
C ALA B 47 -3.87 7.96 -7.93
N PHE B 48 -4.91 7.84 -8.76
CA PHE B 48 -5.26 8.93 -9.68
C PHE B 48 -5.62 10.20 -8.92
N ARG B 49 -6.31 10.06 -7.78
CA ARG B 49 -6.75 11.19 -6.99
C ARG B 49 -5.63 11.80 -6.16
N SER B 50 -4.55 11.06 -5.95
CA SER B 50 -3.48 11.51 -5.05
C SER B 50 -2.22 12.01 -5.77
N ALA B 51 -1.98 11.58 -7.01
CA ALA B 51 -0.71 11.87 -7.68
C ALA B 51 -0.94 12.71 -8.93
N ARG B 52 0.07 13.49 -9.31
CA ARG B 52 -0.06 14.35 -10.50
C ARG B 52 -0.12 13.53 -11.78
N SER B 53 0.55 12.38 -11.81
CA SER B 53 0.45 11.44 -12.93
C SER B 53 0.47 10.02 -12.39
N VAL B 54 -0.35 9.16 -13.00
CA VAL B 54 -0.32 7.73 -12.71
C VAL B 54 0.04 7.03 -14.01
N ILE B 55 1.13 6.28 -13.97
CA ILE B 55 1.72 5.66 -15.16
C ILE B 55 1.53 4.15 -15.07
N LEU B 56 1.03 3.56 -16.14
CA LEU B 56 0.90 2.12 -16.30
C LEU B 56 2.00 1.66 -17.25
N ILE B 57 2.81 0.71 -16.81
CA ILE B 57 3.89 0.16 -17.62
C ILE B 57 3.50 -1.26 -17.97
N PHE B 58 3.35 -1.55 -19.25
CA PHE B 58 2.74 -2.79 -19.71
C PHE B 58 3.78 -3.84 -20.04
N SER B 59 3.50 -5.08 -19.62
CA SER B 59 4.30 -6.24 -20.00
C SER B 59 3.39 -7.43 -20.25
N VAL B 60 3.46 -8.00 -21.45
CA VAL B 60 2.74 -9.23 -21.75
C VAL B 60 3.45 -10.39 -21.08
N ARG B 61 2.68 -11.23 -20.37
CA ARG B 61 3.26 -12.36 -19.61
C ARG B 61 4.12 -13.23 -20.51
N GLU B 62 5.31 -13.55 -20.00
CA GLU B 62 6.27 -14.43 -20.65
C GLU B 62 6.80 -13.89 -21.97
N SER B 63 6.65 -12.60 -22.25
CA SER B 63 7.16 -12.02 -23.49
C SER B 63 8.60 -11.56 -23.38
N GLY B 64 9.14 -11.44 -22.17
CA GLY B 64 10.49 -10.93 -21.99
C GLY B 64 10.66 -9.45 -22.28
N LYS B 65 9.57 -8.70 -22.39
CA LYS B 65 9.65 -7.29 -22.75
C LYS B 65 8.54 -6.51 -22.05
N PHE B 66 8.76 -5.20 -21.98
CA PHE B 66 7.68 -4.25 -21.79
C PHE B 66 7.22 -3.77 -23.16
N GLN B 67 5.93 -3.49 -23.30
CA GLN B 67 5.35 -3.09 -24.59
C GLN B 67 5.06 -1.60 -24.68
N GLY B 68 5.27 -0.85 -23.60
CA GLY B 68 5.03 0.58 -23.63
C GLY B 68 4.52 1.07 -22.29
N PHE B 69 4.20 2.35 -22.19
CA PHE B 69 3.65 2.91 -20.96
C PHE B 69 2.72 4.06 -21.28
N ALA B 70 1.78 4.30 -20.37
CA ALA B 70 0.68 5.22 -20.61
C ALA B 70 0.34 5.92 -19.30
N ARG B 71 -0.35 7.06 -19.39
CA ARG B 71 -0.77 7.83 -18.23
C ARG B 71 -2.28 7.81 -18.12
N LEU B 72 -2.81 7.53 -16.92
CA LEU B 72 -4.25 7.63 -16.68
C LEU B 72 -4.73 9.05 -16.93
N SER B 73 -5.77 9.20 -17.74
CA SER B 73 -6.42 10.49 -17.87
C SER B 73 -7.75 10.56 -17.14
N SER B 74 -8.21 9.45 -16.56
CA SER B 74 -9.47 9.44 -15.81
C SER B 74 -9.38 8.35 -14.76
N GLU B 75 -10.23 8.47 -13.73
CA GLU B 75 -10.56 7.32 -12.92
C GLU B 75 -11.37 6.33 -13.75
N SER B 76 -11.57 5.14 -13.20
CA SER B 76 -12.36 4.16 -13.92
C SER B 76 -13.83 4.61 -13.99
N HIS B 77 -14.49 4.21 -15.06
CA HIS B 77 -15.87 4.61 -15.28
C HIS B 77 -16.67 3.44 -15.84
N HIS B 78 -17.90 3.29 -15.36
CA HIS B 78 -18.77 2.21 -15.77
C HIS B 78 -19.89 2.75 -16.64
N GLY B 79 -20.45 1.87 -17.47
CA GLY B 79 -21.58 2.19 -18.30
C GLY B 79 -21.26 2.73 -19.68
N GLY B 80 -19.98 2.82 -20.04
CA GLY B 80 -19.60 3.28 -21.36
C GLY B 80 -19.73 2.20 -22.41
N SER B 81 -19.27 2.54 -23.62
CA SER B 81 -19.26 1.58 -24.72
C SER B 81 -18.50 0.32 -24.30
N PRO B 82 -19.08 -0.87 -24.49
CA PRO B 82 -18.41 -2.08 -24.02
C PRO B 82 -17.12 -2.35 -24.80
N ILE B 83 -16.05 -2.62 -24.07
CA ILE B 83 -14.77 -2.98 -24.66
C ILE B 83 -14.71 -4.50 -24.76
N HIS B 84 -14.35 -5.00 -25.94
CA HIS B 84 -14.40 -6.43 -26.20
C HIS B 84 -12.99 -7.03 -26.06
N TRP B 85 -12.54 -7.09 -24.82
CA TRP B 85 -11.27 -7.73 -24.50
C TRP B 85 -11.34 -9.20 -24.86
N VAL B 86 -10.19 -9.77 -25.16
CA VAL B 86 -10.06 -11.22 -25.31
C VAL B 86 -9.79 -11.72 -23.90
N LEU B 87 -10.84 -12.20 -23.25
CA LEU B 87 -10.76 -12.51 -21.83
C LEU B 87 -9.96 -13.79 -21.63
N PRO B 88 -8.99 -13.79 -20.71
CA PRO B 88 -8.32 -15.05 -20.36
C PRO B 88 -9.26 -15.86 -19.49
N ALA B 89 -9.51 -17.10 -19.90
CA ALA B 89 -10.31 -18.05 -19.14
C ALA B 89 -9.90 -18.03 -17.68
N GLY B 90 -10.86 -17.73 -16.81
CA GLY B 90 -10.59 -17.39 -15.43
C GLY B 90 -10.82 -15.91 -15.11
N MET B 91 -11.08 -15.09 -16.12
CA MET B 91 -11.36 -13.67 -15.96
C MET B 91 -12.60 -13.33 -16.79
N SER B 92 -13.60 -12.74 -16.13
CA SER B 92 -14.88 -12.48 -16.76
C SER B 92 -15.01 -11.00 -17.13
N ALA B 93 -15.93 -10.73 -18.06
CA ALA B 93 -16.10 -9.37 -18.57
C ALA B 93 -16.67 -8.43 -17.53
N LYS B 94 -17.47 -8.95 -16.59
CA LYS B 94 -17.96 -8.12 -15.50
C LYS B 94 -16.85 -7.85 -14.49
N MET B 95 -15.85 -8.72 -14.43
CA MET B 95 -14.65 -8.55 -13.61
C MET B 95 -14.96 -8.37 -12.13
N GLY B 98 -14.93 -1.58 -14.97
CA GLY B 98 -14.59 -0.18 -15.06
C GLY B 98 -13.50 0.09 -16.08
N VAL B 99 -13.65 1.15 -16.86
CA VAL B 99 -12.71 1.48 -17.92
C VAL B 99 -11.97 2.76 -17.56
N PHE B 100 -10.65 2.68 -17.57
CA PHE B 100 -9.79 3.86 -17.44
C PHE B 100 -9.46 4.38 -18.84
N LYS B 101 -9.59 5.68 -19.04
CA LYS B 101 -9.00 6.29 -20.22
C LYS B 101 -7.52 6.53 -19.96
N ILE B 102 -6.70 6.23 -20.96
CA ILE B 102 -5.25 6.36 -20.85
C ILE B 102 -4.70 7.04 -22.08
N ASP B 103 -3.68 7.86 -21.88
CA ASP B 103 -2.92 8.46 -22.97
C ASP B 103 -1.55 7.77 -23.04
N TRP B 104 -1.28 7.12 -24.15
CA TRP B 104 0.01 6.48 -24.31
C TRP B 104 1.13 7.50 -24.42
N ILE B 105 2.23 7.19 -23.72
CA ILE B 105 3.44 7.98 -23.81
CA ILE B 105 3.46 7.98 -23.80
C ILE B 105 4.49 7.31 -24.70
N CYS B 106 4.54 5.99 -24.68
CA CYS B 106 5.40 5.24 -25.57
C CYS B 106 4.70 3.94 -25.88
N ARG B 107 4.61 3.60 -27.16
CA ARG B 107 4.05 2.33 -27.60
C ARG B 107 5.10 1.39 -28.16
N ARG B 108 6.37 1.70 -27.96
CA ARG B 108 7.48 0.89 -28.42
C ARG B 108 7.98 -0.02 -27.31
N GLU B 109 8.57 -1.14 -27.71
CA GLU B 109 9.01 -2.15 -26.78
C GLU B 109 10.33 -1.80 -26.11
N LEU B 110 10.50 -2.32 -24.90
CA LEU B 110 11.78 -2.30 -24.18
C LEU B 110 12.04 -3.72 -23.69
N PRO B 111 13.06 -4.40 -24.21
CA PRO B 111 13.36 -5.74 -23.69
C PRO B 111 13.88 -5.69 -22.27
N PHE B 112 13.56 -6.73 -21.50
CA PHE B 112 14.05 -6.82 -20.13
C PHE B 112 15.58 -6.76 -20.06
N THR B 113 16.28 -7.14 -21.12
CA THR B 113 17.74 -7.05 -21.15
C THR B 113 18.24 -5.61 -21.01
N LYS B 114 17.39 -4.61 -21.28
CA LYS B 114 17.80 -3.22 -21.11
C LYS B 114 17.42 -2.65 -19.75
N SER B 115 16.68 -3.37 -18.93
CA SER B 115 16.29 -2.90 -17.60
C SER B 115 16.93 -3.70 -16.47
N ALA B 116 17.92 -4.54 -16.79
CA ALA B 116 18.45 -5.51 -15.83
C ALA B 116 19.17 -4.85 -14.67
N HIS B 117 19.56 -3.59 -14.80
CA HIS B 117 20.23 -2.85 -13.74
C HIS B 117 19.27 -2.16 -12.78
N LEU B 118 17.96 -2.20 -13.03
CA LEU B 118 16.98 -1.50 -12.21
C LEU B 118 16.24 -2.47 -11.29
N THR B 119 16.19 -2.12 -10.01
CA THR B 119 15.48 -2.89 -9.00
C THR B 119 14.45 -2.01 -8.32
N ASN B 120 13.35 -2.62 -7.88
CA ASN B 120 12.24 -1.89 -7.30
C ASN B 120 12.28 -2.01 -5.78
N PRO B 121 12.58 -0.93 -5.05
CA PRO B 121 12.60 -1.03 -3.58
C PRO B 121 11.29 -1.48 -2.96
N TRP B 122 10.15 -1.25 -3.61
CA TRP B 122 8.85 -1.62 -3.06
C TRP B 122 8.44 -3.03 -3.46
N ASN B 123 9.35 -3.79 -4.07
CA ASN B 123 9.18 -5.21 -4.29
C ASN B 123 10.46 -5.95 -3.90
N GLU B 124 10.94 -5.70 -2.68
CA GLU B 124 12.10 -6.38 -2.10
C GLU B 124 13.39 -6.17 -2.89
N HIS B 125 13.51 -5.04 -3.62
CA HIS B 125 14.68 -4.74 -4.42
C HIS B 125 14.95 -5.83 -5.46
N LYS B 126 13.87 -6.47 -5.96
CA LYS B 126 13.98 -7.39 -7.08
C LYS B 126 14.04 -6.60 -8.39
N PRO B 127 14.65 -7.16 -9.44
CA PRO B 127 14.64 -6.49 -10.75
C PRO B 127 13.24 -6.06 -11.15
N VAL B 128 13.15 -4.87 -11.75
CA VAL B 128 11.85 -4.24 -11.99
C VAL B 128 10.97 -5.06 -12.95
N LYS B 129 11.57 -5.91 -13.79
CA LYS B 129 10.79 -6.80 -14.63
C LYS B 129 9.95 -7.78 -13.82
N ILE B 130 10.31 -8.04 -12.56
CA ILE B 130 9.59 -9.01 -11.73
C ILE B 130 8.47 -8.29 -11.00
N GLY B 131 7.25 -8.80 -11.16
CA GLY B 131 6.15 -8.33 -10.35
C GLY B 131 4.82 -8.87 -10.84
N ARG B 132 3.82 -8.81 -9.97
CA ARG B 132 2.47 -9.22 -10.33
C ARG B 132 1.74 -8.07 -11.01
N ASP B 133 0.64 -8.42 -11.69
CA ASP B 133 -0.26 -7.41 -12.25
C ASP B 133 -0.64 -6.42 -11.16
N GLY B 134 -0.41 -5.14 -11.41
CA GLY B 134 -0.69 -4.11 -10.44
C GLY B 134 0.43 -3.77 -9.48
N GLN B 135 1.60 -4.40 -9.58
CA GLN B 135 2.69 -4.11 -8.66
CA GLN B 135 2.73 -4.12 -8.71
C GLN B 135 3.09 -2.65 -8.77
N GLU B 136 3.11 -1.96 -7.63
CA GLU B 136 3.53 -0.57 -7.64
C GLU B 136 5.05 -0.46 -7.68
N ILE B 137 5.56 0.48 -8.47
CA ILE B 137 6.98 0.67 -8.66
C ILE B 137 7.36 2.01 -8.04
N GLU B 138 8.38 2.01 -7.19
CA GLU B 138 8.84 3.22 -6.52
C GLU B 138 9.25 4.29 -7.53
N LEU B 139 9.10 5.56 -7.12
CA LEU B 139 9.22 6.72 -7.99
C LEU B 139 10.50 6.71 -8.84
N GLU B 140 11.67 6.63 -8.19
CA GLU B 140 12.91 6.77 -8.96
C GLU B 140 13.11 5.59 -9.90
N CYS B 141 12.82 4.38 -9.44
CA CYS B 141 12.90 3.21 -10.30
C CYS B 141 11.96 3.34 -11.49
N GLY B 142 10.70 3.72 -11.24
CA GLY B 142 9.75 3.88 -12.33
C GLY B 142 10.14 4.95 -13.32
N THR B 143 10.71 6.06 -12.81
CA THR B 143 11.14 7.13 -13.69
C THR B 143 12.29 6.67 -14.58
N GLN B 144 13.28 5.99 -14.00
CA GLN B 144 14.39 5.50 -14.80
C GLN B 144 13.95 4.45 -15.80
N LEU B 145 13.02 3.59 -15.41
CA LEU B 145 12.51 2.60 -16.35
C LEU B 145 11.84 3.28 -17.55
N CYS B 146 10.99 4.27 -17.29
CA CYS B 146 10.33 4.97 -18.39
C CYS B 146 11.33 5.68 -19.30
N LEU B 147 12.40 6.23 -18.71
CA LEU B 147 13.40 6.94 -19.50
C LEU B 147 14.21 6.01 -20.40
N LEU B 148 14.17 4.70 -20.13
CA LEU B 148 14.90 3.76 -20.99
C LEU B 148 14.19 3.50 -22.32
N PHE B 149 12.89 3.74 -22.40
CA PHE B 149 12.16 3.42 -23.62
C PHE B 149 12.63 4.34 -24.75
N PRO B 150 12.55 3.87 -25.98
CA PRO B 150 12.99 4.70 -27.11
C PRO B 150 11.97 5.77 -27.43
N PRO B 151 12.39 6.83 -28.13
CA PRO B 151 11.45 7.85 -28.59
C PRO B 151 10.38 7.20 -29.48
N ASP B 152 9.14 7.67 -29.31
CA ASP B 152 8.01 7.23 -30.12
C ASP B 152 7.50 8.41 -30.95
N GLU B 153 7.71 8.34 -32.26
CA GLU B 153 7.34 9.40 -33.16
C GLU B 153 5.84 9.46 -33.44
N SER B 154 5.07 8.47 -33.01
CA SER B 154 3.62 8.52 -33.14
C SER B 154 2.97 9.31 -32.01
N ILE B 155 3.72 9.68 -30.98
CA ILE B 155 3.18 10.27 -29.77
C ILE B 155 3.55 11.75 -29.73
N ASP B 156 2.58 12.57 -29.34
CA ASP B 156 2.77 13.99 -29.07
C ASP B 156 2.39 14.22 -27.61
N LEU B 157 3.34 14.63 -26.79
CA LEU B 157 3.06 14.84 -25.37
C LEU B 157 2.22 16.07 -25.07
N TYR B 158 1.87 16.84 -26.10
CA TYR B 158 1.22 18.13 -25.88
C TYR B 158 -0.09 17.97 -25.12
N GLN B 159 -0.92 17.00 -25.53
CA GLN B 159 -2.20 16.79 -24.87
C GLN B 159 -2.03 16.43 -23.40
N VAL B 160 -1.11 15.51 -23.12
CA VAL B 160 -0.87 15.07 -21.73
C VAL B 160 -0.44 16.26 -20.88
N ILE B 161 0.54 17.03 -21.37
CA ILE B 161 1.04 18.16 -20.59
C ILE B 161 -0.08 19.13 -20.27
N HIS B 162 -1.00 19.34 -21.22
CA HIS B 162 -2.15 20.20 -20.97
C HIS B 162 -3.19 19.56 -20.07
N LYS B 163 -3.23 18.23 -19.99
CA LYS B 163 -4.13 17.55 -19.06
C LYS B 163 -3.66 17.66 -17.62
N MET B 164 -2.40 18.03 -17.39
CA MET B 164 -1.89 18.17 -16.03
C MET B 164 -2.12 19.60 -15.55
N1 WPS C . -4.34 2.09 27.19
N3 WPS C . -8.83 0.61 27.77
C4 WPS C . -7.85 1.12 27.56
C3 WPS C . -6.50 1.79 27.28
C1 WPS C . -6.28 3.02 26.73
C WPS C . -7.33 4.02 26.26
C2 WPS C . -5.28 1.24 27.56
N2 WPS C . -5.04 -0.07 28.15
N WPS C . -4.97 3.20 26.66
N1 WPS D . 12.07 -7.23 8.32
N3 WPS D . 9.93 -11.42 9.11
C4 WPS D . 10.57 -10.52 8.93
C3 WPS D . 11.44 -9.28 8.67
C1 WPS D . 12.80 -9.29 8.56
C WPS D . 13.72 -10.51 8.65
C2 WPS D . 11.00 -7.99 8.52
N2 WPS D . 9.62 -7.54 8.58
N WPS D . 13.20 -8.05 8.34
N1 WPS E . -4.22 15.21 20.49
N3 WPS E . -4.28 14.04 15.86
C4 WPS E . -4.45 14.29 16.96
C3 WPS E . -4.67 14.63 18.43
C1 WPS E . -5.86 14.65 19.12
C WPS E . -7.24 14.33 18.57
C2 WPS E . -3.68 14.98 19.30
N2 WPS E . -2.27 15.09 18.98
N WPS E . -5.59 15.00 20.37
S SO4 F . -0.12 -3.00 -2.64
S SO4 F . 1.27 -3.46 -3.95
O1 SO4 F . 0.32 -2.26 -3.87
O1 SO4 F . 1.77 -2.98 -2.63
O2 SO4 F . -1.44 -3.66 -2.90
O2 SO4 F . -0.22 -3.47 -3.96
O3 SO4 F . 0.92 -4.02 -2.26
O3 SO4 F . 1.81 -2.62 -5.07
O4 SO4 F . -0.28 -2.02 -1.52
O4 SO4 F . 1.75 -4.88 -4.12
S SO4 G . -2.25 -5.36 31.71
O1 SO4 G . -0.78 -5.37 31.99
O2 SO4 G . -2.78 -3.97 31.94
O3 SO4 G . -2.51 -5.77 30.29
O4 SO4 G . -2.95 -6.31 32.63
S SO4 H . 4.71 17.60 24.63
O1 SO4 H . 5.06 18.75 25.53
O2 SO4 H . 4.43 16.37 25.47
O3 SO4 H . 3.49 17.95 23.83
O4 SO4 H . 5.86 17.32 23.70
N1 WPS I . -5.99 -7.02 -16.78
N3 WPS I . -5.17 -10.05 -20.38
C4 WPS I . -5.49 -9.25 -19.63
C3 WPS I . -5.91 -8.18 -18.63
C1 WPS I . -6.82 -7.17 -18.83
C WPS I . -7.62 -6.88 -20.09
C2 WPS I . -5.42 -8.06 -17.36
N2 WPS I . -4.44 -8.93 -16.74
N WPS I . -6.87 -6.48 -17.71
S SO4 J . 8.79 -1.10 -31.69
O1 SO4 J . 9.96 -0.24 -31.33
O2 SO4 J . 8.28 -1.79 -30.46
O3 SO4 J . 7.70 -0.24 -32.24
O4 SO4 J . 9.17 -2.12 -32.72
S SO4 K . 11.05 18.50 -27.77
O1 SO4 K . 12.33 17.74 -27.88
O2 SO4 K . 10.99 19.18 -26.43
O3 SO4 K . 11.00 19.51 -28.88
O4 SO4 K . 9.91 17.53 -27.89
S SO4 L . -18.58 5.47 -12.18
O1 SO4 L . -17.09 5.31 -12.07
O2 SO4 L . -19.16 5.74 -10.83
O3 SO4 L . -18.90 6.60 -13.10
O4 SO4 L . -19.18 4.21 -12.74
S SO4 M . -0.73 -12.15 -11.07
O1 SO4 M . -1.94 -11.49 -10.48
O2 SO4 M . 0.00 -11.17 -11.94
O3 SO4 M . 0.17 -12.62 -9.97
O4 SO4 M . -1.15 -13.33 -11.90
S SO4 N . -12.92 3.49 -5.94
O1 SO4 N . -11.82 4.28 -5.30
O2 SO4 N . -13.79 2.88 -4.89
O3 SO4 N . -13.79 4.39 -6.77
O4 SO4 N . -12.35 2.42 -6.83
#